data_2AXC
#
_entry.id   2AXC
#
_cell.length_a   59.038
_cell.length_b   59.038
_cell.length_c   132.178
_cell.angle_alpha   90.00
_cell.angle_beta   90.00
_cell.angle_gamma   120.00
#
_symmetry.space_group_name_H-M   'P 31 2 1'
#
loop_
_entity.id
_entity.type
_entity.pdbx_description
1 polymer 'Colicin E7'
2 non-polymer 'SULFATE ION'
3 non-polymer GLYCEROL
4 water water
#
_entity_poly.entity_id   1
_entity_poly.type   'polypeptide(L)'
_entity_poly.pdbx_seq_one_letter_code
;(MSE)RGSRSGHGNGGGNSNSGGGSNSSVAAP(MSE)AFGFPALAAPGAGTLGISVSGEALSAAIADIFAALKGPFKFSA
WGIALYGILPSEIAKDDPN(MSE)(MSE)SKIVTSLPAETVTNVQVSTLPLDQATVSVTKRVTDVVKDTRQHIAVVAGVP
(MSE)SVPVVNAKPTRTPGVFHASFPGVPSLTVSTVKGLPVSTTLPRGITEDKGRTAVPAGFTFGGGSHEAVIRFPKESG
QKPVYVSVTDVLTPAQVKQRQDEEKRLQQEWNDAHPVEVAERRS
;
_entity_poly.pdbx_strand_id   A
#
loop_
_chem_comp.id
_chem_comp.type
_chem_comp.name
_chem_comp.formula
GOL non-polymer GLYCEROL 'C3 H8 O3'
SO4 non-polymer 'SULFATE ION' 'O4 S -2'
#
# COMPACT_ATOMS: atom_id res chain seq x y z
N SER A 21 -19.57 -5.83 -12.33
CA SER A 21 -19.95 -7.27 -12.31
C SER A 21 -18.96 -8.09 -11.48
N ASN A 22 -17.99 -7.41 -10.89
CA ASN A 22 -17.08 -8.14 -10.07
C ASN A 22 -17.83 -8.22 -8.73
N SER A 23 -17.33 -9.06 -7.86
CA SER A 23 -17.92 -9.23 -6.55
C SER A 23 -17.66 -7.97 -5.75
N SER A 24 -18.33 -7.86 -4.60
CA SER A 24 -18.19 -6.66 -3.80
C SER A 24 -16.87 -6.64 -3.00
N VAL A 25 -16.25 -7.81 -2.83
CA VAL A 25 -14.98 -7.91 -2.09
C VAL A 25 -13.96 -8.74 -2.87
N ALA A 26 -12.72 -8.28 -2.90
CA ALA A 26 -11.68 -9.04 -3.61
C ALA A 26 -11.25 -10.24 -2.77
N ALA A 27 -10.84 -11.33 -3.45
CA ALA A 27 -10.33 -12.55 -2.80
C ALA A 27 -9.06 -12.13 -2.03
N PRO A 28 -8.66 -12.92 -1.04
CA PRO A 28 -7.48 -12.52 -0.27
C PRO A 28 -6.12 -12.82 -0.88
N MSE A 29 -5.28 -11.80 -0.90
CA MSE A 29 -3.90 -12.00 -1.36
C MSE A 29 -3.06 -12.31 -0.13
O MSE A 29 -3.38 -11.92 0.97
CB MSE A 29 -3.33 -10.70 -1.97
CG MSE A 29 -4.07 -10.22 -3.22
SE MSE A 29 -4.00 -11.53 -4.67
CE MSE A 29 -2.08 -11.57 -5.02
N ALA A 30 -1.94 -13.01 -0.34
CA ALA A 30 -0.96 -13.20 0.72
C ALA A 30 -0.49 -11.76 1.07
N PHE A 31 -0.12 -11.50 2.32
CA PHE A 31 0.33 -10.15 2.66
C PHE A 31 1.58 -9.78 1.86
N GLY A 32 1.63 -8.53 1.39
CA GLY A 32 2.74 -8.06 0.59
C GLY A 32 2.55 -8.26 -0.89
N PHE A 33 1.48 -8.97 -1.31
CA PHE A 33 1.18 -9.19 -2.73
C PHE A 33 -0.03 -8.35 -3.08
N PRO A 34 0.09 -7.56 -4.15
CA PRO A 34 -1.00 -6.67 -4.54
C PRO A 34 -2.20 -7.26 -5.28
N ALA A 35 -3.34 -6.63 -5.04
CA ALA A 35 -4.56 -6.99 -5.77
C ALA A 35 -5.03 -5.73 -6.47
N LEU A 36 -5.81 -5.89 -7.54
CA LEU A 36 -6.44 -4.73 -8.21
C LEU A 36 -7.90 -4.70 -7.66
N ALA A 37 -8.37 -3.57 -7.16
CA ALA A 37 -9.70 -3.51 -6.61
C ALA A 37 -10.38 -2.28 -7.12
N ALA A 38 -11.65 -2.43 -7.50
CA ALA A 38 -12.37 -1.27 -8.00
C ALA A 38 -13.51 -0.95 -7.08
N PRO A 39 -13.85 0.33 -6.95
CA PRO A 39 -14.95 0.71 -6.07
C PRO A 39 -16.34 0.37 -6.58
N GLY A 40 -17.22 -0.02 -5.68
CA GLY A 40 -18.61 -0.29 -6.03
C GLY A 40 -19.32 0.81 -5.25
N ALA A 41 -19.94 1.75 -5.95
CA ALA A 41 -20.61 2.89 -5.33
C ALA A 41 -19.65 3.58 -4.35
N GLY A 42 -18.40 3.74 -4.80
CA GLY A 42 -17.40 4.44 -4.02
C GLY A 42 -16.71 3.61 -2.94
N THR A 43 -17.05 2.34 -2.80
CA THR A 43 -16.44 1.54 -1.74
C THR A 43 -15.53 0.45 -2.30
N LEU A 44 -14.30 0.38 -1.80
CA LEU A 44 -13.35 -0.65 -2.21
C LEU A 44 -13.54 -1.78 -1.19
N GLY A 45 -13.55 -3.02 -1.66
CA GLY A 45 -13.75 -4.16 -0.73
C GLY A 45 -12.55 -5.10 -0.85
N ILE A 46 -11.89 -5.37 0.27
CA ILE A 46 -10.74 -6.27 0.25
C ILE A 46 -10.87 -7.27 1.39
N SER A 47 -10.03 -8.31 1.32
CA SER A 47 -10.06 -9.32 2.37
C SER A 47 -8.64 -9.72 2.78
N VAL A 48 -8.52 -10.12 4.05
CA VAL A 48 -7.23 -10.56 4.54
C VAL A 48 -7.44 -11.84 5.33
N SER A 49 -6.48 -12.76 5.17
CA SER A 49 -6.52 -14.02 5.88
C SER A 49 -5.56 -13.91 7.09
N GLY A 50 -5.14 -15.04 7.66
CA GLY A 50 -4.29 -14.98 8.85
C GLY A 50 -2.92 -15.58 8.79
N GLU A 51 -2.36 -15.67 7.60
CA GLU A 51 -1.01 -16.23 7.43
C GLU A 51 0.01 -15.10 7.65
N ALA A 52 1.19 -15.46 8.11
CA ALA A 52 2.22 -14.45 8.37
C ALA A 52 2.82 -13.93 7.08
N LEU A 53 3.56 -12.82 7.18
CA LEU A 53 4.22 -12.31 6.00
C LEU A 53 5.24 -13.35 5.52
N SER A 54 5.24 -13.65 4.24
CA SER A 54 6.16 -14.65 3.71
C SER A 54 7.62 -14.24 3.97
N ALA A 55 8.48 -15.23 4.16
CA ALA A 55 9.91 -14.98 4.44
C ALA A 55 10.54 -14.18 3.32
N ALA A 56 10.10 -14.49 2.11
CA ALA A 56 10.57 -13.84 0.91
C ALA A 56 10.41 -12.32 1.05
N ILE A 57 9.18 -11.88 1.33
CA ILE A 57 8.93 -10.46 1.50
C ILE A 57 9.67 -9.93 2.73
N ALA A 58 9.63 -10.67 3.84
CA ALA A 58 10.31 -10.23 5.06
C ALA A 58 11.82 -10.00 4.80
N ASP A 59 12.43 -10.82 3.94
CA ASP A 59 13.84 -10.71 3.62
C ASP A 59 14.18 -9.48 2.77
N ILE A 60 13.28 -9.12 1.85
CA ILE A 60 13.51 -7.95 1.01
C ILE A 60 13.45 -6.77 1.94
N PHE A 61 12.51 -6.81 2.87
CA PHE A 61 12.36 -5.73 3.82
C PHE A 61 13.57 -5.57 4.70
N ALA A 62 14.16 -6.68 5.12
CA ALA A 62 15.34 -6.60 6.00
C ALA A 62 16.54 -5.99 5.28
N ALA A 63 16.54 -6.01 3.96
CA ALA A 63 17.64 -5.45 3.18
C ALA A 63 17.65 -3.94 3.26
N LEU A 64 16.55 -3.36 3.71
CA LEU A 64 16.45 -1.92 3.83
C LEU A 64 17.00 -1.52 5.17
N LYS A 65 18.32 -1.38 5.23
CA LYS A 65 19.02 -1.01 6.46
C LYS A 65 20.02 0.11 6.19
N PHE A 70 20.23 10.52 6.20
CA PHE A 70 19.18 11.49 6.48
C PHE A 70 18.12 11.59 5.38
N SER A 71 18.03 10.59 4.51
CA SER A 71 17.01 10.58 3.44
C SER A 71 16.44 9.16 3.27
N ALA A 72 15.25 9.05 2.72
CA ALA A 72 14.60 7.74 2.55
C ALA A 72 15.15 6.95 1.37
N TRP A 73 15.25 5.63 1.54
CA TRP A 73 15.69 4.74 0.46
C TRP A 73 14.52 3.76 0.22
N GLY A 74 14.53 3.11 -0.93
CA GLY A 74 13.46 2.16 -1.19
C GLY A 74 13.92 1.01 -2.05
N ILE A 75 13.20 -0.10 -1.95
CA ILE A 75 13.46 -1.23 -2.82
C ILE A 75 12.18 -1.47 -3.62
N ALA A 76 12.28 -1.41 -4.94
CA ALA A 76 11.10 -1.65 -5.80
C ALA A 76 10.67 -3.13 -5.63
N LEU A 77 9.36 -3.34 -5.49
CA LEU A 77 8.76 -4.67 -5.33
C LEU A 77 7.98 -5.10 -6.59
N TYR A 78 7.19 -4.21 -7.18
CA TYR A 78 6.36 -4.51 -8.35
C TYR A 78 6.35 -3.37 -9.34
N GLY A 79 6.37 -3.71 -10.62
CA GLY A 79 6.29 -2.72 -11.68
C GLY A 79 4.84 -2.65 -12.13
N ILE A 80 4.41 -1.48 -12.59
CA ILE A 80 3.03 -1.23 -13.02
C ILE A 80 3.01 -0.84 -14.52
N LEU A 81 2.18 -1.52 -15.28
CA LEU A 81 2.07 -1.26 -16.72
C LEU A 81 0.63 -0.84 -16.95
N PRO A 82 0.39 0.47 -16.99
CA PRO A 82 -0.99 0.93 -17.18
C PRO A 82 -1.72 0.44 -18.40
N SER A 83 -1.00 0.24 -19.51
CA SER A 83 -1.68 -0.23 -20.72
C SER A 83 -2.11 -1.69 -20.59
N GLU A 84 -1.40 -2.44 -19.75
CA GLU A 84 -1.77 -3.84 -19.53
C GLU A 84 -2.94 -3.85 -18.52
N ILE A 85 -2.87 -3.00 -17.50
CA ILE A 85 -3.96 -2.91 -16.54
C ILE A 85 -5.26 -2.52 -17.27
N ALA A 86 -5.12 -1.68 -18.28
CA ALA A 86 -6.30 -1.23 -19.01
C ALA A 86 -7.06 -2.35 -19.73
N LYS A 87 -6.38 -3.46 -20.01
CA LYS A 87 -7.04 -4.57 -20.73
C LYS A 87 -8.20 -5.14 -19.90
N ASP A 88 -8.02 -5.28 -18.60
CA ASP A 88 -9.11 -5.77 -17.75
C ASP A 88 -9.88 -4.64 -17.08
N ASP A 89 -9.37 -3.42 -17.19
CA ASP A 89 -9.95 -2.24 -16.55
C ASP A 89 -9.96 -1.08 -17.55
N PRO A 90 -10.75 -1.19 -18.62
CA PRO A 90 -10.80 -0.13 -19.63
C PRO A 90 -11.26 1.24 -19.14
N ASN A 91 -11.98 1.33 -18.02
CA ASN A 91 -12.39 2.64 -17.53
C ASN A 91 -11.51 3.14 -16.38
N MSE A 92 -10.42 2.39 -16.16
CA MSE A 92 -9.40 2.73 -15.17
C MSE A 92 -9.95 3.12 -13.80
O MSE A 92 -9.66 4.23 -13.27
CB MSE A 92 -8.53 3.87 -15.73
CG MSE A 92 -7.78 3.44 -17.00
SE MSE A 92 -6.44 2.00 -16.77
CE MSE A 92 -4.99 3.12 -16.00
N MSE A 93 -10.73 2.18 -13.25
CA MSE A 93 -11.36 2.40 -11.95
C MSE A 93 -10.62 1.66 -10.84
O MSE A 93 -10.86 1.96 -9.65
CB MSE A 93 -12.78 1.84 -11.93
CG MSE A 93 -13.59 2.21 -13.10
SE MSE A 93 -13.89 4.09 -12.90
CE MSE A 93 -15.28 4.02 -11.48
N SER A 94 -9.80 0.69 -11.20
CA SER A 94 -9.12 -0.11 -10.17
C SER A 94 -7.94 0.58 -9.50
N LYS A 95 -7.76 0.29 -8.21
CA LYS A 95 -6.61 0.77 -7.46
C LYS A 95 -5.76 -0.46 -7.13
N ILE A 96 -4.48 -0.24 -6.82
CA ILE A 96 -3.59 -1.34 -6.48
C ILE A 96 -3.56 -1.38 -4.95
N VAL A 97 -3.97 -2.49 -4.34
CA VAL A 97 -4.01 -2.53 -2.87
C VAL A 97 -3.07 -3.58 -2.34
N THR A 98 -2.22 -3.20 -1.38
CA THR A 98 -1.28 -4.14 -0.77
C THR A 98 -1.48 -3.99 0.74
N SER A 99 -1.52 -5.12 1.45
CA SER A 99 -1.76 -5.13 2.89
C SER A 99 -0.65 -5.88 3.62
N LEU A 100 -0.43 -5.50 4.88
CA LEU A 100 0.61 -6.15 5.72
C LEU A 100 0.11 -6.18 7.14
N PRO A 101 0.59 -7.16 7.94
CA PRO A 101 0.19 -7.20 9.35
C PRO A 101 0.78 -5.84 9.85
N ALA A 102 0.10 -5.11 10.71
CA ALA A 102 0.62 -3.80 11.16
C ALA A 102 1.94 -3.91 11.89
N GLU A 103 2.17 -5.06 12.54
CA GLU A 103 3.45 -5.22 13.25
C GLU A 103 4.64 -5.15 12.31
N THR A 104 4.42 -5.40 11.01
CA THR A 104 5.49 -5.34 10.01
C THR A 104 5.97 -3.89 9.80
N VAL A 105 5.09 -2.92 9.98
CA VAL A 105 5.44 -1.53 9.74
C VAL A 105 5.59 -0.63 10.95
N THR A 106 5.25 -1.14 12.14
CA THR A 106 5.37 -0.32 13.34
C THR A 106 5.47 -1.16 14.58
N ASN A 107 6.15 -0.60 15.59
CA ASN A 107 6.26 -1.31 16.85
C ASN A 107 5.32 -0.70 17.86
N VAL A 108 4.60 0.33 17.45
CA VAL A 108 3.67 0.99 18.36
C VAL A 108 2.47 0.09 18.68
N GLN A 109 2.02 0.09 19.93
CA GLN A 109 0.84 -0.69 20.30
C GLN A 109 -0.29 0.25 19.94
N VAL A 110 -0.84 0.11 18.73
CA VAL A 110 -1.83 1.09 18.30
C VAL A 110 -3.13 1.13 19.06
N SER A 111 -3.51 0.03 19.70
CA SER A 111 -4.77 0.08 20.45
C SER A 111 -4.67 1.00 21.67
N THR A 112 -3.46 1.31 22.13
CA THR A 112 -3.36 2.18 23.29
C THR A 112 -3.05 3.65 22.99
N LEU A 113 -3.09 4.03 21.72
CA LEU A 113 -2.86 5.43 21.41
C LEU A 113 -4.08 6.25 21.86
N PRO A 114 -3.91 7.55 22.13
CA PRO A 114 -5.02 8.39 22.55
C PRO A 114 -6.15 8.30 21.52
N LEU A 115 -7.39 8.41 21.98
CA LEU A 115 -8.52 8.38 21.07
C LEU A 115 -8.44 9.46 19.98
N ASP A 116 -7.87 10.61 20.32
CA ASP A 116 -7.81 11.72 19.39
C ASP A 116 -6.58 11.77 18.51
N GLN A 117 -5.76 10.71 18.52
CA GLN A 117 -4.57 10.71 17.69
C GLN A 117 -4.88 10.17 16.30
N ALA A 118 -4.52 10.94 15.27
CA ALA A 118 -4.85 10.57 13.88
C ALA A 118 -3.82 9.77 13.12
N THR A 119 -2.60 9.69 13.64
CA THR A 119 -1.51 9.04 12.93
C THR A 119 -0.67 8.17 13.85
N VAL A 120 0.12 7.28 13.24
CA VAL A 120 1.02 6.44 13.97
C VAL A 120 2.38 6.39 13.27
N SER A 121 3.45 6.44 14.06
CA SER A 121 4.81 6.35 13.52
C SER A 121 5.04 4.96 12.92
N VAL A 122 5.72 4.90 11.78
CA VAL A 122 6.05 3.62 11.15
C VAL A 122 7.52 3.55 10.85
N THR A 123 8.05 2.35 10.70
CA THR A 123 9.46 2.14 10.37
C THR A 123 9.66 1.86 8.88
N LYS A 124 8.56 1.65 8.17
CA LYS A 124 8.64 1.44 6.74
C LYS A 124 7.24 1.59 6.15
N ARG A 125 7.18 1.86 4.86
CA ARG A 125 5.87 2.00 4.20
C ARG A 125 5.92 1.27 2.87
N VAL A 126 4.78 0.83 2.38
CA VAL A 126 4.75 0.27 1.02
C VAL A 126 4.03 1.42 0.27
N THR A 127 4.69 1.99 -0.73
CA THR A 127 4.08 3.14 -1.39
C THR A 127 4.63 3.24 -2.81
N ASP A 128 4.09 4.17 -3.60
CA ASP A 128 4.58 4.20 -4.98
C ASP A 128 5.76 5.14 -5.25
N VAL A 129 6.55 4.75 -6.23
CA VAL A 129 7.71 5.53 -6.68
C VAL A 129 7.68 5.55 -8.20
N VAL A 130 8.24 6.61 -8.78
CA VAL A 130 8.36 6.69 -10.23
C VAL A 130 9.87 6.78 -10.49
N LYS A 131 10.38 5.89 -11.33
CA LYS A 131 11.79 5.91 -11.69
C LYS A 131 11.87 5.34 -13.11
N ASP A 132 12.80 5.84 -13.91
CA ASP A 132 12.94 5.39 -15.28
C ASP A 132 11.64 5.56 -16.03
N THR A 133 10.90 6.63 -15.70
CA THR A 133 9.61 6.95 -16.32
C THR A 133 8.62 5.77 -16.24
N ARG A 134 8.62 5.10 -15.09
CA ARG A 134 7.66 3.99 -14.88
C ARG A 134 7.24 4.04 -13.42
N GLN A 135 6.02 3.60 -13.12
CA GLN A 135 5.54 3.58 -11.72
C GLN A 135 5.78 2.19 -11.13
N HIS A 136 6.19 2.18 -9.85
CA HIS A 136 6.42 0.94 -9.10
C HIS A 136 5.85 1.05 -7.70
N ILE A 137 5.64 -0.12 -7.10
CA ILE A 137 5.22 -0.22 -5.72
C ILE A 137 6.55 -0.57 -5.05
N ALA A 138 6.93 0.14 -3.99
CA ALA A 138 8.22 -0.12 -3.32
C ALA A 138 8.04 -0.13 -1.82
N VAL A 139 9.02 -0.69 -1.10
CA VAL A 139 9.02 -0.56 0.36
C VAL A 139 10.07 0.55 0.59
N VAL A 140 9.71 1.52 1.40
CA VAL A 140 10.56 2.70 1.66
C VAL A 140 10.81 2.86 3.16
N ALA A 141 11.98 3.37 3.52
CA ALA A 141 12.24 3.56 4.97
C ALA A 141 13.48 4.45 5.09
N GLY A 142 13.80 4.85 6.32
CA GLY A 142 15.05 5.61 6.47
C GLY A 142 14.98 6.91 7.20
N VAL A 143 13.79 7.49 7.31
CA VAL A 143 13.59 8.74 8.01
C VAL A 143 12.29 8.64 8.79
N PRO A 144 12.09 9.48 9.81
CA PRO A 144 10.84 9.43 10.58
C PRO A 144 9.63 9.67 9.65
N MSE A 145 8.61 8.81 9.77
CA MSE A 145 7.44 8.93 8.92
C MSE A 145 6.29 8.31 9.68
O MSE A 145 6.51 7.49 10.60
CB MSE A 145 7.63 8.09 7.64
CG MSE A 145 8.89 8.43 6.81
SE MSE A 145 8.82 7.52 5.05
CE MSE A 145 9.01 5.70 5.70
N SER A 146 5.07 8.68 9.30
CA SER A 146 3.86 8.13 9.93
C SER A 146 2.86 7.83 8.81
N VAL A 147 1.75 7.21 9.21
CA VAL A 147 0.60 7.06 8.31
C VAL A 147 -0.61 7.20 9.23
N PRO A 148 -1.77 7.55 8.65
CA PRO A 148 -3.00 7.67 9.42
C PRO A 148 -3.32 6.34 10.13
N VAL A 149 -3.97 6.44 11.27
CA VAL A 149 -4.43 5.23 11.98
C VAL A 149 -5.92 5.46 12.17
N VAL A 150 -6.74 4.45 11.88
CA VAL A 150 -8.19 4.63 12.01
C VAL A 150 -8.81 3.36 12.54
N ASN A 151 -10.08 3.45 12.91
CA ASN A 151 -10.77 2.31 13.46
C ASN A 151 -11.74 1.73 12.44
N ALA A 152 -11.65 0.43 12.23
CA ALA A 152 -12.62 -0.25 11.34
C ALA A 152 -13.85 -0.48 12.23
N LYS A 153 -15.04 -0.22 11.70
CA LYS A 153 -16.25 -0.39 12.50
C LYS A 153 -16.98 -1.66 12.08
N PRO A 154 -17.67 -2.30 13.02
CA PRO A 154 -18.43 -3.51 12.68
C PRO A 154 -19.60 -3.12 11.78
N THR A 155 -20.11 -4.09 11.04
CA THR A 155 -21.22 -3.85 10.10
C THR A 155 -22.29 -4.91 10.34
N ARG A 156 -23.26 -4.98 9.45
CA ARG A 156 -24.29 -6.01 9.61
C ARG A 156 -23.87 -7.39 9.07
N THR A 157 -22.70 -7.46 8.43
CA THR A 157 -22.22 -8.73 7.86
C THR A 157 -21.06 -9.28 8.70
N PRO A 158 -21.20 -10.51 9.24
CA PRO A 158 -20.15 -11.12 10.06
C PRO A 158 -18.84 -11.13 9.31
N GLY A 159 -17.77 -10.71 10.00
CA GLY A 159 -16.45 -10.68 9.42
C GLY A 159 -16.14 -9.51 8.51
N VAL A 160 -17.08 -8.59 8.30
CA VAL A 160 -16.78 -7.46 7.40
C VAL A 160 -16.76 -6.21 8.24
N PHE A 161 -15.68 -5.44 8.12
CA PHE A 161 -15.55 -4.20 8.89
C PHE A 161 -15.40 -3.04 7.93
N HIS A 162 -15.80 -1.83 8.35
CA HIS A 162 -15.77 -0.72 7.45
C HIS A 162 -14.82 0.33 7.94
N ALA A 163 -13.97 0.79 7.04
CA ALA A 163 -13.03 1.85 7.43
C ALA A 163 -13.06 3.02 6.45
N SER A 164 -12.61 4.18 6.92
CA SER A 164 -12.53 5.37 6.10
C SER A 164 -11.23 6.04 6.54
N PHE A 165 -10.39 6.41 5.58
CA PHE A 165 -9.15 7.08 5.93
C PHE A 165 -8.76 8.06 4.82
N PRO A 166 -7.79 8.94 5.07
CA PRO A 166 -7.43 9.91 4.04
C PRO A 166 -7.14 9.33 2.66
N GLY A 167 -7.88 9.79 1.65
CA GLY A 167 -7.66 9.30 0.32
C GLY A 167 -8.47 8.07 -0.06
N VAL A 168 -9.08 7.43 0.94
CA VAL A 168 -9.90 6.21 0.76
C VAL A 168 -11.15 6.39 1.61
N PRO A 169 -12.15 7.07 1.06
CA PRO A 169 -13.41 7.33 1.77
C PRO A 169 -14.13 6.14 2.32
N SER A 170 -14.02 5.02 1.61
CA SER A 170 -14.77 3.83 2.07
C SER A 170 -14.05 2.56 1.67
N LEU A 171 -13.64 1.77 2.68
CA LEU A 171 -12.96 0.51 2.41
C LEU A 171 -13.57 -0.52 3.33
N THR A 172 -13.99 -1.67 2.80
CA THR A 172 -14.45 -2.71 3.72
C THR A 172 -13.32 -3.75 3.76
N VAL A 173 -13.07 -4.28 4.95
CA VAL A 173 -12.04 -5.33 5.10
C VAL A 173 -12.76 -6.55 5.67
N SER A 174 -12.66 -7.68 4.95
CA SER A 174 -13.29 -8.93 5.40
C SER A 174 -12.16 -9.76 6.03
N THR A 175 -12.33 -10.12 7.31
CA THR A 175 -11.31 -10.90 8.02
C THR A 175 -11.65 -12.36 7.78
N VAL A 176 -11.00 -12.93 6.77
CA VAL A 176 -11.28 -14.30 6.36
C VAL A 176 -10.23 -15.34 6.78
N LYS A 177 -9.75 -15.17 8.00
CA LYS A 177 -8.76 -16.05 8.59
C LYS A 177 -9.15 -17.51 8.33
N GLY A 178 -8.18 -18.29 7.84
CA GLY A 178 -8.39 -19.69 7.52
C GLY A 178 -8.48 -19.93 6.01
N LEU A 179 -8.95 -18.94 5.27
CA LEU A 179 -9.03 -19.14 3.83
C LEU A 179 -7.64 -19.12 3.19
N PRO A 180 -7.49 -19.81 2.04
CA PRO A 180 -6.20 -19.85 1.35
C PRO A 180 -5.93 -18.47 0.75
N VAL A 181 -4.66 -18.16 0.52
CA VAL A 181 -4.34 -16.86 -0.05
C VAL A 181 -3.62 -17.02 -1.36
N SER A 182 -3.63 -15.97 -2.15
CA SER A 182 -2.97 -16.00 -3.47
C SER A 182 -1.70 -15.16 -3.54
N THR A 183 -0.73 -15.62 -4.34
CA THR A 183 0.47 -14.83 -4.63
C THR A 183 0.52 -14.55 -6.14
N THR A 184 -0.54 -14.86 -6.87
CA THR A 184 -0.56 -14.66 -8.32
C THR A 184 -0.77 -13.19 -8.65
N LEU A 185 0.15 -12.61 -9.42
CA LEU A 185 0.05 -11.18 -9.76
C LEU A 185 -0.91 -11.01 -10.92
N PRO A 186 -1.72 -9.97 -10.87
CA PRO A 186 -2.70 -9.72 -11.93
C PRO A 186 -2.01 -9.12 -13.12
N ARG A 187 -2.63 -9.26 -14.30
CA ARG A 187 -2.05 -8.68 -15.50
C ARG A 187 -1.80 -7.18 -15.25
N GLY A 188 -0.60 -6.74 -15.62
CA GLY A 188 -0.25 -5.34 -15.47
C GLY A 188 0.61 -5.05 -14.27
N ILE A 189 0.80 -6.03 -13.40
CA ILE A 189 1.66 -5.85 -12.25
C ILE A 189 2.75 -6.92 -12.36
N THR A 190 4.01 -6.53 -12.32
CA THR A 190 5.07 -7.53 -12.44
C THR A 190 6.02 -7.50 -11.24
N GLU A 191 6.71 -8.62 -11.00
CA GLU A 191 7.65 -8.70 -9.88
C GLU A 191 8.97 -8.05 -10.27
N ASP A 192 9.45 -7.09 -9.48
CA ASP A 192 10.73 -6.47 -9.79
C ASP A 192 11.79 -7.40 -9.23
N LYS A 193 12.81 -7.72 -10.01
CA LYS A 193 13.86 -8.61 -9.50
C LYS A 193 14.96 -7.80 -8.80
N GLY A 194 15.58 -8.37 -7.78
CA GLY A 194 16.63 -7.63 -7.08
C GLY A 194 16.22 -7.05 -5.74
N ARG A 195 17.19 -6.88 -4.85
CA ARG A 195 16.94 -6.33 -3.54
C ARG A 195 17.79 -5.07 -3.30
N THR A 196 18.32 -4.47 -4.36
CA THR A 196 19.15 -3.29 -4.13
C THR A 196 18.33 -2.04 -3.86
N ALA A 197 18.68 -1.36 -2.78
CA ALA A 197 18.00 -0.14 -2.37
C ALA A 197 18.51 1.05 -3.18
N VAL A 198 17.61 1.98 -3.48
CA VAL A 198 17.94 3.17 -4.25
C VAL A 198 17.31 4.34 -3.51
N PRO A 199 17.85 5.57 -3.65
CA PRO A 199 17.21 6.67 -2.94
C PRO A 199 15.75 6.75 -3.31
N ALA A 200 14.89 7.03 -2.33
CA ALA A 200 13.45 7.10 -2.56
C ALA A 200 13.02 8.31 -3.39
N GLY A 201 13.86 9.33 -3.44
CA GLY A 201 13.53 10.49 -4.23
C GLY A 201 12.66 11.48 -3.52
N PHE A 202 11.99 12.32 -4.33
CA PHE A 202 11.20 13.41 -3.80
C PHE A 202 9.69 13.27 -3.86
N THR A 203 9.17 12.46 -4.77
CA THR A 203 7.72 12.37 -4.90
C THR A 203 7.14 11.05 -4.45
N PHE A 204 7.95 10.23 -3.79
CA PHE A 204 7.44 8.92 -3.37
C PHE A 204 6.14 9.06 -2.57
N GLY A 205 5.22 8.12 -2.83
CA GLY A 205 3.94 8.17 -2.16
C GLY A 205 2.92 9.10 -2.83
N GLY A 206 3.35 9.81 -3.88
CA GLY A 206 2.44 10.74 -4.56
C GLY A 206 1.16 10.16 -5.10
N GLY A 207 1.19 8.86 -5.43
CA GLY A 207 -0.01 8.23 -5.92
C GLY A 207 -0.64 7.26 -4.93
N SER A 208 -0.26 7.35 -3.65
CA SER A 208 -0.72 6.38 -2.65
C SER A 208 -1.37 6.96 -1.40
N HIS A 209 -2.21 6.14 -0.78
CA HIS A 209 -2.90 6.51 0.46
C HIS A 209 -2.83 5.26 1.34
N GLU A 210 -2.32 5.42 2.55
CA GLU A 210 -2.12 4.29 3.45
C GLU A 210 -2.72 4.53 4.82
N ALA A 211 -2.90 3.45 5.57
CA ALA A 211 -3.36 3.57 6.95
C ALA A 211 -3.15 2.30 7.69
N VAL A 212 -3.05 2.44 9.01
CA VAL A 212 -3.05 1.26 9.90
C VAL A 212 -4.52 1.22 10.37
N ILE A 213 -5.17 0.07 10.17
CA ILE A 213 -6.57 -0.07 10.53
C ILE A 213 -6.70 -0.96 11.77
N ARG A 214 -7.35 -0.41 12.80
CA ARG A 214 -7.57 -1.13 14.06
C ARG A 214 -8.97 -1.74 14.11
N PHE A 215 -9.04 -3.01 14.51
CA PHE A 215 -10.35 -3.67 14.58
C PHE A 215 -10.87 -3.64 16.00
N PRO A 216 -12.18 -3.80 16.16
CA PRO A 216 -12.80 -3.79 17.51
C PRO A 216 -12.10 -4.76 18.45
N LYS A 217 -11.92 -4.37 19.71
CA LYS A 217 -11.21 -5.25 20.64
C LYS A 217 -11.88 -6.62 20.70
N GLU A 218 -13.20 -6.64 20.68
CA GLU A 218 -13.98 -7.89 20.75
C GLU A 218 -13.74 -8.85 19.58
N SER A 219 -13.25 -8.35 18.47
CA SER A 219 -13.01 -9.16 17.26
C SER A 219 -11.78 -10.05 17.35
N GLY A 220 -10.83 -9.65 18.19
CA GLY A 220 -9.61 -10.40 18.29
C GLY A 220 -8.64 -10.25 17.14
N GLN A 221 -9.01 -9.49 16.10
CA GLN A 221 -8.19 -9.32 14.91
C GLN A 221 -7.09 -8.28 15.14
N LYS A 222 -5.86 -8.64 14.79
CA LYS A 222 -4.72 -7.74 14.91
C LYS A 222 -4.82 -6.66 13.84
N PRO A 223 -4.28 -5.49 14.12
CA PRO A 223 -4.34 -4.40 13.14
C PRO A 223 -3.61 -4.73 11.84
N VAL A 224 -4.10 -4.11 10.75
CA VAL A 224 -3.58 -4.35 9.41
C VAL A 224 -3.22 -3.02 8.75
N TYR A 225 -2.09 -3.02 8.05
CA TYR A 225 -1.66 -1.86 7.32
C TYR A 225 -2.12 -2.06 5.88
N VAL A 226 -2.70 -1.01 5.28
CA VAL A 226 -3.20 -1.12 3.89
C VAL A 226 -2.65 0.06 3.08
N SER A 227 -2.17 -0.21 1.87
CA SER A 227 -1.63 0.85 0.99
C SER A 227 -2.46 0.76 -0.30
N VAL A 228 -3.08 1.87 -0.68
CA VAL A 228 -3.94 1.92 -1.87
C VAL A 228 -3.30 2.88 -2.84
N THR A 229 -2.89 2.35 -3.98
CA THR A 229 -2.18 3.15 -5.00
C THR A 229 -2.96 3.34 -6.30
N ASP A 230 -2.94 4.59 -6.77
CA ASP A 230 -3.57 4.97 -8.06
C ASP A 230 -2.71 4.42 -9.17
N VAL A 231 -3.34 3.89 -10.22
CA VAL A 231 -2.59 3.40 -11.39
C VAL A 231 -2.40 4.63 -12.29
N LEU A 232 -1.16 5.09 -12.41
CA LEU A 232 -0.89 6.28 -13.21
C LEU A 232 -0.82 5.99 -14.71
N THR A 233 -1.39 6.88 -15.51
CA THR A 233 -1.28 6.74 -16.96
C THR A 233 0.10 7.22 -17.36
N PRO A 234 0.53 6.90 -18.60
CA PRO A 234 1.84 7.35 -19.09
C PRO A 234 2.00 8.88 -18.98
N ALA A 235 0.92 9.65 -19.19
CA ALA A 235 1.02 11.12 -19.05
C ALA A 235 1.37 11.52 -17.61
N GLN A 236 0.68 10.87 -16.68
CA GLN A 236 0.89 11.13 -15.24
C GLN A 236 2.26 10.68 -14.80
N VAL A 237 2.74 9.57 -15.35
CA VAL A 237 4.07 9.09 -14.98
C VAL A 237 5.13 10.09 -15.47
N LYS A 238 4.95 10.58 -16.70
CA LYS A 238 5.92 11.54 -17.27
C LYS A 238 5.95 12.82 -16.45
N GLN A 239 4.79 13.28 -16.02
CA GLN A 239 4.68 14.48 -15.20
C GLN A 239 5.44 14.24 -13.87
N ARG A 240 5.24 13.08 -13.24
CA ARG A 240 5.97 12.83 -12.02
C ARG A 240 7.46 12.66 -12.24
N GLN A 241 7.86 12.00 -13.33
CA GLN A 241 9.25 11.81 -13.59
C GLN A 241 9.91 13.20 -13.82
N ASP A 242 9.21 14.09 -14.50
CA ASP A 242 9.76 15.43 -14.75
C ASP A 242 9.90 16.17 -13.43
N GLU A 243 8.92 16.03 -12.56
CA GLU A 243 8.94 16.69 -11.25
C GLU A 243 10.12 16.14 -10.43
N GLU A 244 10.29 14.82 -10.46
CA GLU A 244 11.42 14.21 -9.73
C GLU A 244 12.76 14.75 -10.21
N LYS A 245 12.92 14.85 -11.52
CA LYS A 245 14.16 15.33 -12.06
C LYS A 245 14.41 16.76 -11.66
N ARG A 246 13.39 17.59 -11.75
CA ARG A 246 13.58 18.98 -11.38
C ARG A 246 13.92 19.14 -9.90
N LEU A 247 13.20 18.45 -9.03
CA LEU A 247 13.47 18.55 -7.60
C LEU A 247 14.87 18.04 -7.27
N GLN A 248 15.31 17.00 -7.97
CA GLN A 248 16.66 16.48 -7.74
C GLN A 248 17.70 17.55 -8.15
N GLN A 249 17.51 18.17 -9.31
CA GLN A 249 18.45 19.20 -9.77
C GLN A 249 18.47 20.37 -8.76
N GLU A 250 17.30 20.80 -8.34
CA GLU A 250 17.25 21.91 -7.37
C GLU A 250 18.00 21.54 -6.08
N TRP A 251 17.80 20.31 -5.61
CA TRP A 251 18.46 19.85 -4.38
C TRP A 251 19.98 19.83 -4.61
N ASN A 252 20.40 19.29 -5.76
CA ASN A 252 21.82 19.24 -6.11
C ASN A 252 22.43 20.65 -6.10
N ASP A 253 21.73 21.57 -6.74
CA ASP A 253 22.24 22.95 -6.88
C ASP A 253 22.23 23.72 -5.56
N ALA A 254 21.41 23.30 -4.60
CA ALA A 254 21.33 24.04 -3.35
C ALA A 254 22.30 23.53 -2.28
N HIS A 255 23.23 22.67 -2.67
CA HIS A 255 24.24 22.19 -1.72
C HIS A 255 25.34 23.26 -1.71
N PRO A 256 26.13 23.29 -0.63
CA PRO A 256 27.23 24.25 -0.50
C PRO A 256 28.19 24.16 -1.71
S SO4 B . -1.95 -3.30 19.02
O1 SO4 B . -1.57 -2.71 20.35
O2 SO4 B . -3.28 -2.79 18.69
O3 SO4 B . -1.99 -4.77 19.12
O4 SO4 B . -0.91 -2.87 17.99
C1 GOL C . -5.05 -7.05 -1.00
O1 GOL C . -4.25 -6.57 0.08
C2 GOL C . -6.29 -7.77 -0.44
O2 GOL C . -5.89 -9.01 0.16
C3 GOL C . -7.29 -8.04 -1.57
O3 GOL C . -8.47 -8.66 -1.03
#